data_9BKZ
#
_entry.id   9BKZ
#
_cell.length_a   70.096
_cell.length_b   50.551
_cell.length_c   70.595
_cell.angle_alpha   90.00
_cell.angle_beta   115.22
_cell.angle_gamma   90.00
#
_symmetry.space_group_name_H-M   'P 1 21 1'
#
loop_
_entity.id
_entity.type
_entity.pdbx_description
1 polymer 'Dephospho-CoA kinase'
2 non-polymer "ADENOSINE-5'-DIPHOSPHATE"
3 non-polymer 'COENZYME A'
4 non-polymer (4S)-2-METHYL-2,4-PENTANEDIOL
5 water water
#
_entity_poly.entity_id   1
_entity_poly.type   'polypeptide(L)'
_entity_poly.pdbx_seq_one_letter_code
;MAHHHHHHMTYTVALTGGIGSGKSTVADEFAHLGVTVIDADIIARQVVEPGTPALLAIAERFGPQMINDDGSLNRRRLRE
RIFAHSEDKAWLNALLHPLIQQETRRQMQASTSPYLLWVVPLLVENRLTDKADRILVVDVPKETQIERTIRRDGVSREHA
EHILAAQATREQRLAAADDVIENMGSADAVASHVARLHDKYLMLASQAASQEKP
;
_entity_poly.pdbx_strand_id   A,B
#
# COMPACT_ATOMS: atom_id res chain seq x y z
N THR A 10 4.52 -6.06 33.96
CA THR A 10 4.80 -7.07 32.94
C THR A 10 6.06 -6.66 32.16
N TYR A 11 7.00 -7.60 32.02
CA TYR A 11 8.27 -7.28 31.39
C TYR A 11 8.05 -6.73 29.99
N THR A 12 8.73 -5.62 29.69
CA THR A 12 8.49 -4.86 28.46
C THR A 12 9.82 -4.52 27.82
N VAL A 13 9.97 -4.85 26.54
CA VAL A 13 11.15 -4.53 25.75
C VAL A 13 10.77 -3.46 24.75
N ALA A 14 11.48 -2.33 24.77
CA ALA A 14 11.25 -1.24 23.83
C ALA A 14 12.05 -1.51 22.56
N LEU A 15 11.35 -1.61 21.43
CA LEU A 15 11.98 -1.75 20.12
C LEU A 15 11.96 -0.41 19.41
N THR A 16 13.14 0.05 18.98
CA THR A 16 13.27 1.34 18.32
C THR A 16 14.28 1.23 17.19
N GLY A 17 14.38 2.29 16.39
CA GLY A 17 15.23 2.30 15.22
C GLY A 17 14.78 3.31 14.19
N GLY A 18 15.72 3.89 13.46
CA GLY A 18 15.39 4.91 12.49
C GLY A 18 14.53 4.35 11.36
N ILE A 19 13.93 5.29 10.61
CA ILE A 19 13.09 4.91 9.48
C ILE A 19 13.91 4.09 8.50
N GLY A 20 13.33 2.97 8.07
CA GLY A 20 13.97 2.11 7.09
C GLY A 20 14.95 1.11 7.65
N SER A 21 15.02 0.96 8.98
CA SER A 21 15.95 0.01 9.59
C SER A 21 15.37 -1.38 9.73
N GLY A 22 14.08 -1.56 9.47
CA GLY A 22 13.46 -2.87 9.57
C GLY A 22 12.75 -3.15 10.88
N LYS A 23 12.31 -2.12 11.60
CA LYS A 23 11.60 -2.33 12.85
C LYS A 23 10.42 -3.29 12.66
N SER A 24 9.62 -3.06 11.61
CA SER A 24 8.42 -3.86 11.43
C SER A 24 8.76 -5.32 11.14
N THR A 25 9.77 -5.56 10.30
CA THR A 25 10.16 -6.94 10.00
C THR A 25 10.65 -7.65 11.25
N VAL A 26 11.44 -6.97 12.08
CA VAL A 26 11.94 -7.58 13.30
C VAL A 26 10.81 -7.81 14.29
N ALA A 27 9.93 -6.83 14.46
CA ALA A 27 8.78 -7.00 15.35
C ALA A 27 7.90 -8.14 14.86
N ASP A 28 7.74 -8.27 13.55
CA ASP A 28 6.92 -9.36 13.01
C ASP A 28 7.53 -10.72 13.29
N GLU A 29 8.87 -10.80 13.37
CA GLU A 29 9.50 -12.07 13.72
C GLU A 29 9.29 -12.40 15.19
N PHE A 30 9.45 -11.42 16.08
CA PHE A 30 9.11 -11.63 17.48
C PHE A 30 7.64 -12.05 17.62
N ALA A 31 6.78 -11.51 16.77
CA ALA A 31 5.35 -11.85 16.85
C ALA A 31 5.13 -13.33 16.54
N HIS A 32 5.82 -13.85 15.52
CA HIS A 32 5.71 -15.26 15.17
C HIS A 32 6.30 -16.18 16.22
N LEU A 33 6.93 -15.65 17.27
CA LEU A 33 7.43 -16.44 18.38
C LEU A 33 6.49 -16.41 19.58
N GLY A 34 5.34 -15.78 19.45
CA GLY A 34 4.37 -15.71 20.53
C GLY A 34 4.42 -14.46 21.36
N VAL A 35 5.14 -13.44 20.94
CA VAL A 35 5.31 -12.22 21.72
C VAL A 35 4.22 -11.23 21.33
N THR A 36 3.61 -10.60 22.34
CA THR A 36 2.66 -9.52 22.09
C THR A 36 3.43 -8.28 21.66
N VAL A 37 3.13 -7.80 20.45
CA VAL A 37 3.75 -6.59 19.91
C VAL A 37 2.73 -5.46 20.02
N ILE A 38 3.18 -4.31 20.51
CA ILE A 38 2.36 -3.12 20.65
C ILE A 38 3.01 -2.02 19.81
N ASP A 39 2.35 -1.62 18.73
CA ASP A 39 2.85 -0.62 17.81
C ASP A 39 1.72 0.36 17.52
N ALA A 40 1.82 1.57 18.07
CA ALA A 40 0.77 2.56 17.87
C ALA A 40 0.62 2.93 16.41
N ASP A 41 1.71 2.85 15.63
CA ASP A 41 1.62 3.14 14.20
C ASP A 41 0.69 2.16 13.50
N ILE A 42 0.74 0.88 13.90
CA ILE A 42 -0.14 -0.12 13.31
C ILE A 42 -1.55 -0.02 13.89
N ILE A 43 -1.68 0.41 15.15
CA ILE A 43 -3.00 0.56 15.74
C ILE A 43 -3.74 1.74 15.12
N ALA A 44 -3.01 2.82 14.81
CA ALA A 44 -3.64 3.99 14.20
C ALA A 44 -4.26 3.65 12.86
N ARG A 45 -3.60 2.79 12.08
CA ARG A 45 -4.15 2.38 10.80
C ARG A 45 -5.31 1.40 10.97
N GLN A 46 -5.38 0.71 12.10
CA GLN A 46 -6.46 -0.25 12.33
C GLN A 46 -7.75 0.42 12.80
N VAL A 47 -7.65 1.52 13.56
CA VAL A 47 -8.85 2.19 14.02
C VAL A 47 -9.58 2.93 12.91
N VAL A 48 -8.94 3.13 11.77
CA VAL A 48 -9.56 3.76 10.61
C VAL A 48 -9.69 2.76 9.45
N GLU A 49 -9.67 1.47 9.75
CA GLU A 49 -9.84 0.46 8.72
C GLU A 49 -11.26 0.48 8.17
N PRO A 50 -11.48 -0.16 7.02
CA PRO A 50 -12.83 -0.19 6.44
C PRO A 50 -13.87 -0.63 7.45
N GLY A 51 -14.99 0.09 7.49
CA GLY A 51 -16.11 -0.26 8.34
C GLY A 51 -16.01 0.21 9.77
N THR A 52 -14.90 0.84 10.17
CA THR A 52 -14.76 1.28 11.55
C THR A 52 -15.51 2.59 11.77
N PRO A 53 -15.95 2.86 13.00
CA PRO A 53 -16.63 4.15 13.26
C PRO A 53 -15.77 5.36 12.95
N ALA A 54 -14.45 5.28 13.20
CA ALA A 54 -13.60 6.44 12.96
C ALA A 54 -13.52 6.79 11.49
N LEU A 55 -13.55 5.79 10.60
CA LEU A 55 -13.54 6.09 9.17
C LEU A 55 -14.86 6.70 8.74
N LEU A 56 -15.98 6.20 9.28
CA LEU A 56 -17.27 6.81 9.01
C LEU A 56 -17.25 8.29 9.39
N ALA A 57 -16.76 8.60 10.60
CA ALA A 57 -16.73 9.98 11.04
C ALA A 57 -15.86 10.84 10.12
N ILE A 58 -14.72 10.30 9.68
CA ILE A 58 -13.88 11.04 8.75
C ILE A 58 -14.62 11.30 7.44
N ALA A 59 -15.39 10.31 6.97
CA ALA A 59 -16.13 10.48 5.74
C ALA A 59 -17.35 11.38 5.94
N GLU A 60 -18.05 11.23 7.08
CA GLU A 60 -19.17 12.11 7.38
C GLU A 60 -18.75 13.57 7.38
N ARG A 61 -17.51 13.85 7.79
CA ARG A 61 -17.02 15.21 7.97
C ARG A 61 -16.47 15.82 6.68
N PHE A 62 -15.65 15.07 5.94
CA PHE A 62 -15.00 15.59 4.76
C PHE A 62 -15.61 15.09 3.45
N GLY A 63 -16.49 14.10 3.50
CA GLY A 63 -17.17 13.63 2.32
C GLY A 63 -16.79 12.22 1.95
N PRO A 64 -17.62 11.56 1.11
CA PRO A 64 -17.36 10.16 0.77
C PRO A 64 -16.09 9.94 -0.03
N GLN A 65 -15.49 11.01 -0.60
CA GLN A 65 -14.27 10.84 -1.37
C GLN A 65 -13.08 10.45 -0.50
N MET A 66 -13.22 10.48 0.82
CA MET A 66 -12.16 10.01 1.71
C MET A 66 -12.11 8.49 1.82
N ILE A 67 -13.01 7.79 1.12
CA ILE A 67 -13.05 6.33 1.11
C ILE A 67 -12.86 5.88 -0.33
N ASN A 68 -11.88 5.01 -0.54
CA ASN A 68 -11.51 4.62 -1.90
C ASN A 68 -12.33 3.42 -2.34
N ASP A 69 -11.94 2.81 -3.47
CA ASP A 69 -12.75 1.76 -4.09
C ASP A 69 -12.83 0.49 -3.25
N ASP A 70 -11.85 0.26 -2.37
CA ASP A 70 -11.88 -0.91 -1.50
C ASP A 70 -12.30 -0.57 -0.08
N GLY A 71 -12.96 0.58 0.11
CA GLY A 71 -13.50 0.94 1.40
C GLY A 71 -12.50 1.36 2.44
N SER A 72 -11.30 1.76 2.02
CA SER A 72 -10.25 2.16 2.95
C SER A 72 -9.96 3.65 2.82
N LEU A 73 -9.28 4.18 3.82
CA LEU A 73 -9.02 5.61 3.88
C LEU A 73 -8.15 6.07 2.73
N ASN A 74 -8.58 7.14 2.06
CA ASN A 74 -7.77 7.77 1.01
C ASN A 74 -6.85 8.76 1.71
N ARG A 75 -5.63 8.31 2.03
CA ARG A 75 -4.69 9.14 2.78
C ARG A 75 -4.15 10.29 1.94
N ARG A 76 -4.18 10.18 0.61
CA ARG A 76 -3.78 11.29 -0.24
C ARG A 76 -4.71 12.49 0.00
N ARG A 77 -6.02 12.28 -0.11
CA ARG A 77 -6.97 13.36 0.08
C ARG A 77 -6.97 13.87 1.52
N LEU A 78 -6.77 12.97 2.49
CA LEU A 78 -6.71 13.42 3.88
C LEU A 78 -5.49 14.31 4.11
N ARG A 79 -4.33 13.91 3.57
CA ARG A 79 -3.15 14.77 3.64
C ARG A 79 -3.44 16.14 3.06
N GLU A 80 -4.00 16.17 1.84
CA GLU A 80 -4.31 17.45 1.20
C GLU A 80 -5.25 18.28 2.06
N ARG A 81 -6.32 17.65 2.57
CA ARG A 81 -7.23 18.36 3.47
C ARG A 81 -6.49 18.92 4.68
N ILE A 82 -5.73 18.07 5.37
CA ILE A 82 -4.97 18.51 6.53
C ILE A 82 -4.02 19.63 6.14
N PHE A 83 -3.35 19.50 4.99
CA PHE A 83 -2.40 20.52 4.57
C PHE A 83 -3.10 21.85 4.30
N ALA A 84 -4.31 21.80 3.73
CA ALA A 84 -5.05 23.02 3.42
C ALA A 84 -5.76 23.60 4.64
N HIS A 85 -5.95 22.81 5.69
CA HIS A 85 -6.68 23.26 6.88
C HIS A 85 -6.01 22.62 8.11
N SER A 86 -5.08 23.35 8.72
CA SER A 86 -4.38 22.83 9.88
C SER A 86 -5.32 22.60 11.06
N GLU A 87 -6.53 23.19 11.02
CA GLU A 87 -7.49 22.97 12.09
C GLU A 87 -8.01 21.55 12.13
N ASP A 88 -7.97 20.84 10.99
CA ASP A 88 -8.48 19.48 10.94
C ASP A 88 -7.53 18.48 11.58
N LYS A 89 -6.24 18.79 11.64
CA LYS A 89 -5.31 17.92 12.34
C LYS A 89 -5.70 17.77 13.80
N ALA A 90 -6.05 18.88 14.46
CA ALA A 90 -6.42 18.82 15.87
C ALA A 90 -7.67 17.96 16.07
N TRP A 91 -8.64 18.07 15.17
CA TRP A 91 -9.83 17.23 15.28
C TRP A 91 -9.51 15.77 15.01
N LEU A 92 -8.68 15.52 14.00
CA LEU A 92 -8.26 14.14 13.72
C LEU A 92 -7.57 13.52 14.93
N ASN A 93 -6.71 14.29 15.60
CA ASN A 93 -6.06 13.81 16.81
C ASN A 93 -7.10 13.48 17.88
N ALA A 94 -7.99 14.44 18.18
CA ALA A 94 -9.02 14.21 19.17
C ALA A 94 -9.84 12.96 18.85
N LEU A 95 -10.05 12.70 17.56
CA LEU A 95 -10.80 11.51 17.16
C LEU A 95 -10.00 10.24 17.43
N LEU A 96 -8.75 10.20 16.97
CA LEU A 96 -7.99 8.95 16.90
C LEU A 96 -7.20 8.66 18.16
N HIS A 97 -6.52 9.65 18.71
CA HIS A 97 -5.69 9.43 19.90
C HIS A 97 -6.41 8.62 20.98
N PRO A 98 -7.64 8.98 21.40
CA PRO A 98 -8.31 8.16 22.42
C PRO A 98 -8.60 6.73 21.97
N LEU A 99 -8.83 6.52 20.67
CA LEU A 99 -9.06 5.16 20.19
C LEU A 99 -7.77 4.35 20.18
N ILE A 100 -6.63 5.01 19.99
CA ILE A 100 -5.35 4.32 20.02
C ILE A 100 -4.96 3.95 21.44
N GLN A 101 -5.26 4.84 22.40
CA GLN A 101 -4.99 4.52 23.79
C GLN A 101 -5.79 3.30 24.24
N GLN A 102 -7.09 3.27 23.90
CA GLN A 102 -7.92 2.16 24.33
C GLN A 102 -7.43 0.83 23.75
N GLU A 103 -7.19 0.80 22.44
CA GLU A 103 -6.76 -0.44 21.80
C GLU A 103 -5.34 -0.82 22.21
N THR A 104 -4.55 0.13 22.71
CA THR A 104 -3.26 -0.22 23.27
C THR A 104 -3.43 -0.95 24.60
N ARG A 105 -4.33 -0.46 25.47
CA ARG A 105 -4.53 -1.13 26.75
C ARG A 105 -5.23 -2.47 26.57
N ARG A 106 -6.18 -2.55 25.63
CA ARG A 106 -6.85 -3.82 25.39
C ARG A 106 -5.86 -4.92 25.05
N GLN A 107 -4.81 -4.58 24.31
CA GLN A 107 -3.81 -5.57 23.92
C GLN A 107 -2.88 -5.90 25.07
N MET A 108 -2.50 -4.91 25.89
CA MET A 108 -1.74 -5.20 27.10
C MET A 108 -2.53 -6.13 28.01
N GLN A 109 -3.73 -5.68 28.40
CA GLN A 109 -4.54 -6.44 29.36
C GLN A 109 -4.85 -7.84 28.85
N ALA A 110 -4.86 -8.04 27.53
CA ALA A 110 -5.22 -9.31 26.94
C ALA A 110 -4.02 -10.16 26.58
N SER A 111 -2.85 -9.86 27.13
CA SER A 111 -1.62 -10.57 26.80
C SER A 111 -1.33 -11.63 27.85
N THR A 112 -1.09 -12.86 27.40
CA THR A 112 -0.61 -13.94 28.25
C THR A 112 0.84 -14.29 27.96
N SER A 113 1.53 -13.49 27.15
CA SER A 113 2.91 -13.78 26.79
C SER A 113 3.85 -13.47 27.96
N PRO A 114 4.98 -14.17 28.05
CA PRO A 114 5.90 -13.91 29.17
C PRO A 114 6.42 -12.48 29.21
N TYR A 115 6.60 -11.84 28.05
CA TYR A 115 7.01 -10.45 28.01
C TYR A 115 6.31 -9.76 26.85
N LEU A 116 6.52 -8.45 26.74
CA LEU A 116 5.80 -7.60 25.81
C LEU A 116 6.80 -6.77 25.02
N LEU A 117 6.56 -6.65 23.71
CA LEU A 117 7.40 -5.87 22.82
C LEU A 117 6.67 -4.59 22.47
N TRP A 118 7.28 -3.45 22.78
CA TRP A 118 6.68 -2.13 22.62
C TRP A 118 7.45 -1.40 21.53
N VAL A 119 6.89 -1.37 20.32
CA VAL A 119 7.52 -0.67 19.21
C VAL A 119 7.31 0.82 19.40
N VAL A 120 8.40 1.58 19.44
CA VAL A 120 8.34 3.01 19.72
C VAL A 120 9.38 3.71 18.86
N PRO A 121 8.98 4.33 17.74
CA PRO A 121 9.98 5.03 16.91
C PRO A 121 10.74 6.12 17.64
N LEU A 122 10.13 6.77 18.62
CA LEU A 122 10.78 7.84 19.36
C LEU A 122 11.53 7.28 20.57
N LEU A 123 12.53 8.04 21.01
CA LEU A 123 13.32 7.67 22.19
C LEU A 123 14.58 8.53 22.26
N LEU A 128 11.36 8.17 26.01
CA LEU A 128 10.55 7.00 26.30
C LEU A 128 11.41 5.79 26.66
N THR A 129 12.68 6.03 26.98
CA THR A 129 13.60 4.97 27.34
C THR A 129 13.45 4.52 28.78
N ASP A 130 12.75 5.30 29.62
CA ASP A 130 12.59 4.96 31.03
C ASP A 130 11.34 4.13 31.32
N LYS A 131 10.47 3.94 30.33
CA LYS A 131 9.22 3.23 30.54
C LYS A 131 9.34 1.73 30.36
N ALA A 132 10.39 1.25 29.70
CA ALA A 132 10.56 -0.16 29.40
C ALA A 132 11.68 -0.75 30.24
N ASP A 133 11.62 -2.07 30.43
CA ASP A 133 12.66 -2.78 31.17
C ASP A 133 13.92 -3.00 30.34
N ARG A 134 13.85 -2.86 29.02
CA ARG A 134 15.00 -3.11 28.17
C ARG A 134 14.75 -2.43 26.82
N ILE A 135 15.83 -1.98 26.19
CA ILE A 135 15.78 -1.21 24.96
C ILE A 135 16.52 -1.97 23.88
N LEU A 136 15.80 -2.37 22.83
CA LEU A 136 16.36 -3.07 21.69
C LEU A 136 16.37 -2.13 20.49
N VAL A 137 17.55 -1.91 19.91
CA VAL A 137 17.72 -1.01 18.77
C VAL A 137 17.97 -1.85 17.52
N VAL A 138 17.17 -1.61 16.49
CA VAL A 138 17.41 -2.16 15.16
C VAL A 138 18.24 -1.13 14.39
N ASP A 139 19.42 -1.54 13.95
CA ASP A 139 20.40 -0.63 13.36
C ASP A 139 20.77 -1.09 11.95
N VAL A 140 20.99 -0.11 11.07
CA VAL A 140 21.55 -0.34 9.74
C VAL A 140 22.37 0.89 9.37
N PRO A 141 23.18 0.85 8.32
CA PRO A 141 23.89 2.06 7.90
C PRO A 141 22.92 3.11 7.38
N LYS A 142 23.37 4.37 7.43
CA LYS A 142 22.50 5.46 7.00
C LYS A 142 22.08 5.31 5.54
N GLU A 143 23.01 4.89 4.68
CA GLU A 143 22.67 4.67 3.28
C GLU A 143 21.56 3.65 3.15
N THR A 144 21.71 2.50 3.81
CA THR A 144 20.67 1.49 3.78
C THR A 144 19.34 2.07 4.24
N GLN A 145 19.36 2.93 5.26
CA GLN A 145 18.15 3.60 5.70
C GLN A 145 17.52 4.39 4.56
N ILE A 146 18.35 5.07 3.76
CA ILE A 146 17.82 5.93 2.71
C ILE A 146 17.18 5.11 1.60
N GLU A 147 17.82 4.02 1.19
CA GLU A 147 17.29 3.27 0.06
C GLU A 147 16.03 2.50 0.45
N ARG A 148 16.09 1.77 1.57
CA ARG A 148 14.93 1.01 2.01
C ARG A 148 13.71 1.88 2.24
N THR A 149 13.90 3.17 2.52
CA THR A 149 12.78 4.10 2.59
C THR A 149 12.20 4.34 1.20
N ILE A 150 13.06 4.46 0.19
CA ILE A 150 12.60 4.82 -1.15
C ILE A 150 11.69 3.72 -1.70
N ARG A 151 12.11 2.45 -1.54
CA ARG A 151 11.37 1.36 -2.14
C ARG A 151 10.21 0.89 -1.26
N ARG A 152 10.30 1.09 0.06
CA ARG A 152 9.20 0.69 0.93
C ARG A 152 8.04 1.67 0.85
N ASP A 153 8.33 2.97 0.94
CA ASP A 153 7.29 3.99 0.94
C ASP A 153 7.00 4.55 -0.46
N GLY A 154 7.92 4.38 -1.40
CA GLY A 154 7.76 4.98 -2.71
C GLY A 154 8.06 6.46 -2.75
N VAL A 155 8.54 7.04 -1.66
CA VAL A 155 8.87 8.47 -1.60
C VAL A 155 10.16 8.72 -2.37
N SER A 156 10.63 9.96 -2.31
CA SER A 156 11.88 10.37 -2.94
C SER A 156 13.00 10.41 -1.92
N ARG A 157 14.24 10.42 -2.41
CA ARG A 157 15.37 10.43 -1.48
C ARG A 157 15.47 11.76 -0.75
N GLU A 158 15.31 12.88 -1.47
CA GLU A 158 15.26 14.19 -0.84
C GLU A 158 14.44 14.13 0.45
N HIS A 159 13.17 13.73 0.33
CA HIS A 159 12.31 13.58 1.50
C HIS A 159 12.90 12.58 2.49
N ALA A 160 13.62 11.57 2.00
CA ALA A 160 14.18 10.56 2.88
C ALA A 160 15.30 11.13 3.74
N GLU A 161 16.23 11.88 3.12
CA GLU A 161 17.31 12.48 3.89
C GLU A 161 16.77 13.40 4.96
N HIS A 162 15.71 14.15 4.64
CA HIS A 162 15.18 15.12 5.60
C HIS A 162 14.42 14.43 6.72
N ILE A 163 13.66 13.38 6.41
CA ILE A 163 13.04 12.60 7.47
C ILE A 163 14.12 12.04 8.40
N LEU A 164 15.24 11.60 7.83
CA LEU A 164 16.32 11.04 8.63
C LEU A 164 17.00 12.13 9.47
N ALA A 165 17.11 13.34 8.94
CA ALA A 165 17.72 14.42 9.69
C ALA A 165 16.88 14.78 10.93
N ALA A 166 15.56 14.71 10.81
CA ALA A 166 14.69 15.07 11.92
C ALA A 166 14.76 14.08 13.08
N GLN A 167 15.28 12.88 12.85
CA GLN A 167 15.28 11.85 13.87
C GLN A 167 16.58 11.84 14.65
N ALA A 168 16.61 11.06 15.73
CA ALA A 168 17.81 10.89 16.51
C ALA A 168 18.92 10.28 15.65
N THR A 169 20.16 10.51 16.06
CA THR A 169 21.29 9.99 15.31
C THR A 169 21.54 8.53 15.64
N ARG A 170 22.28 7.87 14.75
CA ARG A 170 22.65 6.47 14.98
C ARG A 170 23.35 6.30 16.32
N GLU A 171 24.33 7.16 16.60
CA GLU A 171 25.06 7.07 17.86
C GLU A 171 24.13 7.22 19.05
N GLN A 172 23.15 8.12 18.95
CA GLN A 172 22.18 8.30 20.03
C GLN A 172 21.44 6.99 20.31
N ARG A 173 20.90 6.37 19.27
CA ARG A 173 20.17 5.12 19.45
C ARG A 173 21.08 4.06 20.07
N LEU A 174 22.24 3.81 19.46
CA LEU A 174 23.15 2.79 19.97
C LEU A 174 23.51 3.05 21.42
N ALA A 175 23.70 4.31 21.80
CA ALA A 175 24.12 4.63 23.15
C ALA A 175 23.05 4.29 24.18
N ALA A 176 21.78 4.40 23.80
CA ALA A 176 20.67 4.09 24.72
C ALA A 176 20.27 2.62 24.67
N ALA A 177 20.84 1.84 23.77
CA ALA A 177 20.41 0.46 23.58
C ALA A 177 20.99 -0.44 24.66
N ASP A 178 20.19 -1.42 25.09
CA ASP A 178 20.70 -2.53 25.89
C ASP A 178 21.11 -3.70 25.00
N ASP A 179 20.41 -3.92 23.89
CA ASP A 179 20.75 -4.92 22.90
C ASP A 179 20.63 -4.29 21.52
N VAL A 180 21.45 -4.76 20.59
CA VAL A 180 21.45 -4.24 19.22
C VAL A 180 21.36 -5.39 18.24
N ILE A 181 20.68 -5.14 17.12
CA ILE A 181 20.51 -6.13 16.07
C ILE A 181 20.74 -5.42 14.74
N GLU A 182 21.84 -5.76 14.06
CA GLU A 182 22.14 -5.23 12.73
C GLU A 182 21.25 -5.95 11.72
N ASN A 183 20.23 -5.27 11.21
CA ASN A 183 19.31 -5.86 10.25
C ASN A 183 19.94 -5.84 8.85
N MET A 184 21.07 -6.53 8.73
CA MET A 184 21.83 -6.62 7.50
C MET A 184 22.22 -8.06 7.26
N GLY A 185 22.65 -8.34 6.03
CA GLY A 185 23.08 -9.68 5.68
C GLY A 185 21.91 -10.61 5.40
N SER A 186 22.11 -11.88 5.74
CA SER A 186 21.10 -12.91 5.48
C SER A 186 19.95 -12.78 6.46
N ALA A 187 18.73 -12.95 5.96
CA ALA A 187 17.55 -12.90 6.84
C ALA A 187 17.60 -14.01 7.87
N ASP A 188 18.00 -15.22 7.47
CA ASP A 188 18.11 -16.33 8.40
C ASP A 188 18.95 -15.97 9.61
N ALA A 189 20.15 -15.44 9.37
CA ALA A 189 21.00 -15.00 10.48
C ALA A 189 20.27 -13.96 11.34
N VAL A 190 19.57 -13.02 10.71
CA VAL A 190 18.81 -12.03 11.46
C VAL A 190 17.75 -12.72 12.30
N ALA A 191 16.97 -13.62 11.68
CA ALA A 191 15.92 -14.32 12.42
C ALA A 191 16.51 -15.16 13.55
N SER A 192 17.69 -15.75 13.34
CA SER A 192 18.33 -16.50 14.40
C SER A 192 18.71 -15.59 15.57
N HIS A 193 19.27 -14.41 15.26
CA HIS A 193 19.60 -13.45 16.30
C HIS A 193 18.35 -13.05 17.08
N VAL A 194 17.22 -12.89 16.38
CA VAL A 194 15.97 -12.56 17.07
C VAL A 194 15.58 -13.68 18.02
N ALA A 195 15.78 -14.94 17.61
CA ALA A 195 15.43 -16.06 18.47
C ALA A 195 16.28 -16.08 19.73
N ARG A 196 17.57 -15.78 19.60
CA ARG A 196 18.44 -15.75 20.76
C ARG A 196 18.02 -14.66 21.74
N LEU A 197 17.71 -13.47 21.23
CA LEU A 197 17.21 -12.40 22.09
C LEU A 197 15.90 -12.81 22.75
N HIS A 198 14.99 -13.42 21.98
CA HIS A 198 13.76 -13.94 22.54
C HIS A 198 14.04 -14.81 23.76
N ASP A 199 14.99 -15.74 23.63
CA ASP A 199 15.34 -16.59 24.76
C ASP A 199 15.90 -15.77 25.92
N LYS A 200 16.71 -14.75 25.62
CA LYS A 200 17.22 -13.90 26.69
C LYS A 200 16.09 -13.19 27.40
N TYR A 201 15.18 -12.56 26.65
CA TYR A 201 14.10 -11.81 27.25
C TYR A 201 13.18 -12.72 28.07
N LEU A 202 12.93 -13.94 27.56
CA LEU A 202 12.17 -14.91 28.34
C LEU A 202 12.78 -15.11 29.72
N MET A 203 14.10 -15.23 29.80
CA MET A 203 14.75 -15.45 31.08
C MET A 203 14.70 -14.20 31.96
N LEU A 204 14.94 -13.02 31.36
CA LEU A 204 14.84 -11.79 32.13
C LEU A 204 13.43 -11.59 32.68
N ALA A 205 12.41 -12.03 31.95
CA ALA A 205 11.04 -11.92 32.44
C ALA A 205 10.81 -12.84 33.64
N SER A 206 11.31 -14.07 33.58
CA SER A 206 11.19 -14.97 34.71
C SER A 206 11.93 -14.43 35.93
N GLN A 207 13.19 -14.01 35.73
CA GLN A 207 13.96 -13.41 36.81
C GLN A 207 13.20 -12.26 37.46
N ALA A 208 12.60 -11.40 36.63
CA ALA A 208 11.85 -10.26 37.16
C ALA A 208 10.65 -10.73 37.97
N ALA A 209 9.96 -11.77 37.51
CA ALA A 209 8.78 -12.25 38.21
C ALA A 209 9.09 -12.59 39.67
N SER A 210 10.29 -13.12 39.92
CA SER A 210 10.68 -13.49 41.27
C SER A 210 11.36 -12.33 41.97
N THR B 10 -6.25 -11.63 2.79
CA THR B 10 -6.00 -12.46 1.62
C THR B 10 -4.79 -11.96 0.84
N TYR B 11 -3.87 -12.87 0.54
CA TYR B 11 -2.62 -12.50 -0.14
C TYR B 11 -2.93 -11.70 -1.40
N THR B 12 -2.28 -10.55 -1.53
CA THR B 12 -2.55 -9.61 -2.62
C THR B 12 -1.26 -9.27 -3.34
N VAL B 13 -1.32 -9.26 -4.66
CA VAL B 13 -0.20 -8.88 -5.51
C VAL B 13 -0.64 -7.67 -6.33
N ALA B 14 0.11 -6.58 -6.22
CA ALA B 14 -0.21 -5.35 -6.94
C ALA B 14 0.54 -5.32 -8.27
N LEU B 15 -0.21 -5.21 -9.36
CA LEU B 15 0.35 -5.10 -10.70
C LEU B 15 0.35 -3.63 -11.12
N THR B 16 1.51 -3.15 -11.58
CA THR B 16 1.66 -1.77 -12.00
C THR B 16 2.50 -1.72 -13.26
N GLY B 17 2.68 -0.53 -13.80
CA GLY B 17 3.39 -0.30 -15.03
C GLY B 17 2.90 0.97 -15.69
N GLY B 18 3.77 1.57 -16.50
CA GLY B 18 3.46 2.82 -17.18
C GLY B 18 2.58 2.60 -18.40
N ILE B 19 2.44 3.69 -19.17
CA ILE B 19 1.59 3.64 -20.36
C ILE B 19 2.11 2.55 -21.29
N GLY B 20 1.19 1.94 -22.04
CA GLY B 20 1.55 1.01 -23.09
C GLY B 20 2.53 -0.07 -22.70
N SER B 21 2.69 -0.35 -21.42
CA SER B 21 3.54 -1.44 -21.00
C SER B 21 2.90 -2.81 -21.23
N GLY B 22 1.65 -2.83 -21.70
CA GLY B 22 0.93 -4.09 -21.82
C GLY B 22 0.41 -4.63 -20.51
N LYS B 23 0.22 -3.76 -19.51
CA LYS B 23 -0.24 -4.21 -18.20
C LYS B 23 -1.49 -5.06 -18.29
N SER B 24 -2.37 -4.78 -19.26
CA SER B 24 -3.63 -5.50 -19.34
C SER B 24 -3.43 -6.91 -19.87
N THR B 25 -2.61 -7.07 -20.92
CA THR B 25 -2.37 -8.41 -21.46
C THR B 25 -1.79 -9.35 -20.41
N VAL B 26 -0.97 -8.83 -19.50
CA VAL B 26 -0.45 -9.65 -18.41
C VAL B 26 -1.57 -10.00 -17.44
N ALA B 27 -2.27 -8.98 -16.93
CA ALA B 27 -3.38 -9.23 -16.02
C ALA B 27 -4.39 -10.20 -16.61
N ASP B 28 -4.61 -10.13 -17.93
CA ASP B 28 -5.54 -11.05 -18.56
C ASP B 28 -5.00 -12.47 -18.59
N GLU B 29 -3.68 -12.64 -18.59
CA GLU B 29 -3.11 -13.98 -18.55
C GLU B 29 -3.22 -14.57 -17.15
N PHE B 30 -2.99 -13.77 -16.11
CA PHE B 30 -3.23 -14.23 -14.75
C PHE B 30 -4.69 -14.65 -14.58
N ALA B 31 -5.62 -13.82 -15.06
CA ALA B 31 -7.03 -14.15 -14.94
C ALA B 31 -7.37 -15.47 -15.62
N HIS B 32 -6.71 -15.77 -16.73
CA HIS B 32 -6.94 -17.05 -17.41
C HIS B 32 -6.41 -18.23 -16.62
N LEU B 33 -5.60 -18.00 -15.60
CA LEU B 33 -5.16 -19.04 -14.68
C LEU B 33 -6.06 -19.14 -13.45
N GLY B 34 -7.19 -18.44 -13.44
CA GLY B 34 -8.11 -18.47 -12.32
C GLY B 34 -7.89 -17.41 -11.28
N VAL B 35 -6.93 -16.50 -11.49
CA VAL B 35 -6.62 -15.47 -10.51
C VAL B 35 -7.70 -14.40 -10.55
N THR B 36 -8.20 -14.02 -9.37
CA THR B 36 -9.11 -12.89 -9.28
C THR B 36 -8.32 -11.60 -9.51
N VAL B 37 -8.73 -10.82 -10.51
CA VAL B 37 -8.05 -9.59 -10.89
C VAL B 37 -8.98 -8.42 -10.58
N ILE B 38 -8.52 -7.50 -9.74
CA ILE B 38 -9.27 -6.31 -9.37
C ILE B 38 -8.66 -5.14 -10.11
N ASP B 39 -9.34 -4.68 -11.16
CA ASP B 39 -8.90 -3.54 -11.97
C ASP B 39 -10.02 -2.52 -11.98
N ALA B 40 -9.80 -1.40 -11.30
CA ALA B 40 -10.85 -0.39 -11.16
C ALA B 40 -11.19 0.25 -12.50
N ASP B 41 -10.20 0.44 -13.37
CA ASP B 41 -10.47 1.00 -14.68
C ASP B 41 -11.46 0.16 -15.46
N ILE B 42 -11.37 -1.17 -15.32
CA ILE B 42 -12.30 -2.05 -16.02
C ILE B 42 -13.67 -2.06 -15.33
N ILE B 43 -13.69 -1.96 -14.00
CA ILE B 43 -14.96 -1.96 -13.29
C ILE B 43 -15.74 -0.68 -13.59
N ALA B 44 -15.04 0.43 -13.85
CA ALA B 44 -15.73 1.68 -14.15
C ALA B 44 -16.42 1.63 -15.50
N ARG B 45 -15.73 1.11 -16.52
CA ARG B 45 -16.38 0.92 -17.81
C ARG B 45 -17.53 -0.07 -17.70
N GLN B 46 -17.48 -0.97 -16.71
CA GLN B 46 -18.52 -1.98 -16.58
C GLN B 46 -19.83 -1.37 -16.10
N VAL B 47 -19.76 -0.37 -15.23
CA VAL B 47 -20.97 0.22 -14.67
C VAL B 47 -21.62 1.24 -15.58
N VAL B 48 -20.91 1.71 -16.62
CA VAL B 48 -21.48 2.63 -17.59
C VAL B 48 -21.66 1.88 -18.92
N GLU B 49 -21.97 0.59 -18.84
CA GLU B 49 -22.25 -0.19 -20.02
C GLU B 49 -23.58 0.21 -20.63
N PRO B 50 -23.80 -0.10 -21.91
CA PRO B 50 -25.13 0.13 -22.50
C PRO B 50 -26.22 -0.55 -21.69
N GLY B 51 -27.24 0.22 -21.33
CA GLY B 51 -28.38 -0.28 -20.59
C GLY B 51 -28.28 -0.14 -19.09
N THR B 52 -27.10 0.12 -18.55
CA THR B 52 -26.94 0.23 -17.11
C THR B 52 -27.61 1.51 -16.60
N PRO B 53 -28.01 1.53 -15.32
CA PRO B 53 -28.63 2.75 -14.78
C PRO B 53 -27.71 3.97 -14.84
N ALA B 54 -26.41 3.78 -14.60
CA ALA B 54 -25.49 4.91 -14.59
C ALA B 54 -25.48 5.62 -15.94
N LEU B 55 -25.26 4.87 -17.03
CA LEU B 55 -25.21 5.49 -18.35
C LEU B 55 -26.46 6.31 -18.64
N LEU B 56 -27.63 5.85 -18.16
CA LEU B 56 -28.84 6.65 -18.29
C LEU B 56 -28.69 7.99 -17.61
N ALA B 57 -28.25 7.99 -16.35
CA ALA B 57 -28.11 9.24 -15.61
C ALA B 57 -27.14 10.21 -16.31
N ILE B 58 -26.12 9.67 -16.97
CA ILE B 58 -25.15 10.53 -17.65
C ILE B 58 -25.80 11.20 -18.85
N ALA B 59 -26.56 10.43 -19.65
CA ALA B 59 -27.21 11.01 -20.81
C ALA B 59 -28.34 11.96 -20.40
N GLU B 60 -29.10 11.60 -19.36
CA GLU B 60 -30.12 12.50 -18.86
C GLU B 60 -29.51 13.80 -18.37
N ARG B 61 -28.32 13.74 -17.76
CA ARG B 61 -27.68 14.91 -17.21
C ARG B 61 -26.93 15.71 -18.26
N PHE B 62 -26.38 15.03 -19.28
CA PHE B 62 -25.58 15.68 -20.30
C PHE B 62 -26.19 15.60 -21.69
N GLY B 63 -27.38 15.04 -21.84
CA GLY B 63 -28.03 14.93 -23.12
C GLY B 63 -27.67 13.65 -23.85
N PRO B 64 -28.46 13.30 -24.87
CA PRO B 64 -28.16 12.08 -25.64
C PRO B 64 -26.87 12.17 -26.42
N GLN B 65 -26.32 13.38 -26.60
CA GLN B 65 -25.06 13.51 -27.32
C GLN B 65 -23.98 12.58 -26.79
N MET B 66 -23.90 12.44 -25.47
CA MET B 66 -22.87 11.60 -24.86
C MET B 66 -22.95 10.17 -25.39
N ILE B 67 -24.04 9.47 -25.10
CA ILE B 67 -24.23 8.10 -25.57
C ILE B 67 -23.96 8.06 -27.07
N ASN B 68 -22.87 7.40 -27.47
CA ASN B 68 -22.47 7.36 -28.86
C ASN B 68 -23.38 6.41 -29.64
N ASP B 69 -23.03 6.16 -30.90
CA ASP B 69 -23.92 5.44 -31.82
C ASP B 69 -24.36 4.10 -31.24
N ASP B 70 -23.41 3.19 -31.04
CA ASP B 70 -23.72 1.86 -30.52
C ASP B 70 -24.70 1.94 -29.35
N GLY B 71 -24.43 2.84 -28.40
CA GLY B 71 -25.29 2.97 -27.24
C GLY B 71 -24.52 3.01 -25.94
N SER B 72 -23.20 3.07 -26.05
CA SER B 72 -22.33 3.17 -24.88
C SER B 72 -22.00 4.64 -24.64
N LEU B 73 -21.02 4.89 -23.78
CA LEU B 73 -20.61 6.25 -23.43
C LEU B 73 -19.49 6.72 -24.35
N ASN B 74 -19.70 7.86 -25.00
CA ASN B 74 -18.60 8.54 -25.70
C ASN B 74 -17.69 9.14 -24.64
N ARG B 75 -16.57 8.46 -24.36
CA ARG B 75 -15.66 8.91 -23.33
C ARG B 75 -14.82 10.10 -23.78
N ARG B 76 -14.77 10.37 -25.09
CA ARG B 76 -14.07 11.54 -25.58
C ARG B 76 -14.77 12.82 -25.10
N ARG B 77 -16.01 13.03 -25.56
CA ARG B 77 -16.72 14.26 -25.20
C ARG B 77 -16.97 14.36 -23.71
N LEU B 78 -17.21 13.23 -23.04
CA LEU B 78 -17.46 13.29 -21.60
C LEU B 78 -16.23 13.80 -20.85
N ARG B 79 -15.03 13.56 -21.38
CA ARG B 79 -13.84 14.11 -20.76
C ARG B 79 -13.66 15.58 -21.07
N GLU B 80 -14.20 16.06 -22.20
CA GLU B 80 -14.12 17.48 -22.52
C GLU B 80 -15.20 18.26 -21.78
N ARG B 81 -16.45 17.79 -21.85
CA ARG B 81 -17.52 18.40 -21.08
C ARG B 81 -17.16 18.45 -19.59
N ILE B 82 -16.55 17.37 -19.08
CA ILE B 82 -16.13 17.34 -17.69
C ILE B 82 -15.05 18.38 -17.44
N PHE B 83 -14.20 18.65 -18.42
CA PHE B 83 -13.11 19.61 -18.26
C PHE B 83 -13.66 20.99 -17.90
N SER B 86 -16.24 21.84 -13.36
CA SER B 86 -15.82 20.94 -12.30
C SER B 86 -17.01 20.44 -11.49
N GLU B 87 -18.15 21.12 -11.61
CA GLU B 87 -19.36 20.68 -10.93
C GLU B 87 -19.87 19.37 -11.51
N ASP B 88 -19.58 19.10 -12.78
CA ASP B 88 -19.93 17.83 -13.39
C ASP B 88 -18.99 16.71 -12.99
N LYS B 89 -17.75 17.04 -12.60
CA LYS B 89 -16.87 16.03 -12.04
C LYS B 89 -17.44 15.45 -10.75
N ALA B 90 -17.84 16.33 -9.82
CA ALA B 90 -18.30 15.87 -8.52
C ALA B 90 -19.57 15.02 -8.66
N TRP B 91 -20.48 15.41 -9.55
CA TRP B 91 -21.66 14.60 -9.78
C TRP B 91 -21.30 13.26 -10.40
N LEU B 92 -20.43 13.26 -11.40
CA LEU B 92 -20.03 12.02 -12.06
C LEU B 92 -19.36 11.07 -11.06
N ASN B 93 -18.48 11.60 -10.21
CA ASN B 93 -17.84 10.76 -9.21
C ASN B 93 -18.85 10.27 -8.18
N ALA B 94 -19.73 11.15 -7.71
CA ALA B 94 -20.78 10.74 -6.79
C ALA B 94 -21.63 9.62 -7.40
N LEU B 95 -21.74 9.59 -8.72
CA LEU B 95 -22.53 8.55 -9.38
C LEU B 95 -21.77 7.24 -9.46
N LEU B 96 -20.52 7.27 -9.92
CA LEU B 96 -19.77 6.06 -10.20
C LEU B 96 -19.00 5.53 -9.00
N HIS B 97 -18.41 6.43 -8.21
CA HIS B 97 -17.62 6.00 -7.05
C HIS B 97 -18.32 4.97 -6.18
N PRO B 98 -19.58 5.18 -5.74
CA PRO B 98 -20.22 4.13 -4.94
C PRO B 98 -20.51 2.86 -5.71
N LEU B 99 -20.80 2.96 -7.01
CA LEU B 99 -21.02 1.75 -7.81
C LEU B 99 -19.73 0.96 -7.97
N ILE B 100 -18.61 1.65 -8.15
CA ILE B 100 -17.32 0.96 -8.28
C ILE B 100 -16.96 0.26 -6.97
N GLN B 101 -17.22 0.93 -5.83
CA GLN B 101 -16.92 0.31 -4.55
C GLN B 101 -17.67 -1.02 -4.39
N GLN B 102 -18.96 -1.03 -4.73
CA GLN B 102 -19.76 -2.23 -4.55
C GLN B 102 -19.27 -3.38 -5.42
N GLU B 103 -19.03 -3.12 -6.71
CA GLU B 103 -18.54 -4.17 -7.59
C GLU B 103 -17.14 -4.63 -7.17
N THR B 104 -16.34 -3.72 -6.60
CA THR B 104 -15.04 -4.12 -6.09
C THR B 104 -15.19 -5.04 -4.88
N ARG B 105 -16.09 -4.70 -3.97
CA ARG B 105 -16.35 -5.57 -2.82
C ARG B 105 -16.96 -6.88 -3.26
N ARG B 106 -17.82 -6.85 -4.28
CA ARG B 106 -18.44 -8.07 -4.78
C ARG B 106 -17.38 -9.04 -5.31
N GLN B 107 -16.45 -8.53 -6.11
CA GLN B 107 -15.41 -9.40 -6.68
C GLN B 107 -14.48 -9.91 -5.59
N MET B 108 -14.14 -9.06 -4.61
CA MET B 108 -13.27 -9.51 -3.53
C MET B 108 -13.94 -10.57 -2.67
N GLN B 109 -15.26 -10.51 -2.50
CA GLN B 109 -15.96 -11.50 -1.71
C GLN B 109 -16.32 -12.74 -2.50
N ALA B 110 -16.60 -12.60 -3.80
CA ALA B 110 -16.85 -13.75 -4.67
C ALA B 110 -15.57 -14.47 -5.07
N SER B 111 -14.43 -14.09 -4.50
CA SER B 111 -13.15 -14.68 -4.89
C SER B 111 -12.90 -15.98 -4.15
N THR B 112 -12.44 -16.99 -4.88
CA THR B 112 -12.02 -18.26 -4.32
C THR B 112 -10.58 -18.60 -4.67
N SER B 113 -9.81 -17.63 -5.19
CA SER B 113 -8.42 -17.91 -5.58
C SER B 113 -7.49 -17.77 -4.40
N PRO B 114 -6.40 -18.56 -4.36
CA PRO B 114 -5.49 -18.48 -3.21
C PRO B 114 -4.91 -17.09 -3.00
N TYR B 115 -4.77 -16.29 -4.05
CA TYR B 115 -4.31 -14.91 -3.93
C TYR B 115 -5.09 -14.05 -4.91
N LEU B 116 -4.78 -12.76 -4.90
CA LEU B 116 -5.56 -11.76 -5.63
C LEU B 116 -4.62 -10.80 -6.35
N LEU B 117 -4.98 -10.43 -7.58
CA LEU B 117 -4.19 -9.52 -8.39
C LEU B 117 -4.89 -8.18 -8.45
N TRP B 118 -4.16 -7.12 -8.09
CA TRP B 118 -4.71 -5.77 -7.96
C TRP B 118 -3.97 -4.87 -8.94
N VAL B 119 -4.63 -4.53 -10.05
CA VAL B 119 -4.04 -3.68 -11.08
C VAL B 119 -4.07 -2.24 -10.59
N VAL B 120 -2.90 -1.61 -10.52
CA VAL B 120 -2.79 -0.23 -10.03
C VAL B 120 -1.86 0.54 -10.95
N PRO B 121 -2.38 1.31 -11.91
CA PRO B 121 -1.47 2.05 -12.80
C PRO B 121 -0.57 3.04 -12.08
N LEU B 122 -1.12 3.83 -11.15
CA LEU B 122 -0.37 4.85 -10.44
C LEU B 122 0.04 4.37 -9.05
N LEU B 123 0.52 3.13 -8.95
CA LEU B 123 0.88 2.57 -7.65
C LEU B 123 2.04 3.33 -7.02
N VAL B 124 3.07 3.66 -7.80
CA VAL B 124 4.24 4.32 -7.23
C VAL B 124 4.00 5.81 -7.10
N GLU B 125 3.33 6.42 -8.09
CA GLU B 125 3.06 7.85 -8.04
C GLU B 125 2.33 8.23 -6.76
N ASN B 126 1.24 7.51 -6.46
CA ASN B 126 0.70 7.51 -5.12
C ASN B 126 1.58 6.64 -4.23
N ARG B 127 1.54 6.92 -2.93
CA ARG B 127 2.34 6.14 -1.97
C ARG B 127 1.56 4.90 -1.52
N LEU B 128 1.27 4.05 -2.51
CA LEU B 128 0.46 2.86 -2.32
C LEU B 128 1.27 1.57 -2.30
N THR B 129 2.60 1.67 -2.31
CA THR B 129 3.42 0.46 -2.36
C THR B 129 3.34 -0.38 -1.09
N ASP B 130 2.71 0.12 -0.03
CA ASP B 130 2.64 -0.58 1.24
C ASP B 130 1.35 -1.35 1.44
N LYS B 131 0.42 -1.26 0.49
CA LYS B 131 -0.89 -1.90 0.64
C LYS B 131 -0.96 -3.29 0.04
N ALA B 132 0.12 -3.79 -0.56
CA ALA B 132 0.12 -5.10 -1.18
C ALA B 132 1.21 -5.97 -0.57
N ASP B 133 0.96 -7.28 -0.54
CA ASP B 133 1.94 -8.21 -0.02
C ASP B 133 3.15 -8.33 -0.96
N ARG B 134 2.94 -8.09 -2.25
CA ARG B 134 4.01 -8.20 -3.24
C ARG B 134 3.69 -7.28 -4.41
N ILE B 135 4.73 -6.77 -5.05
CA ILE B 135 4.60 -5.81 -6.14
C ILE B 135 5.23 -6.41 -7.39
N LEU B 136 4.43 -6.53 -8.44
CA LEU B 136 4.88 -7.00 -9.75
C LEU B 136 4.83 -5.84 -10.73
N VAL B 137 5.95 -5.57 -11.39
CA VAL B 137 6.06 -4.45 -12.32
C VAL B 137 6.19 -5.01 -13.74
N VAL B 138 5.24 -4.65 -14.59
CA VAL B 138 5.34 -4.90 -16.02
C VAL B 138 6.18 -3.78 -16.63
N ASP B 139 7.32 -4.13 -17.21
CA ASP B 139 8.30 -3.15 -17.64
C ASP B 139 8.62 -3.31 -19.13
N VAL B 140 8.83 -2.18 -19.79
CA VAL B 140 9.30 -2.13 -21.17
C VAL B 140 10.19 -0.90 -21.29
N PRO B 141 11.05 -0.81 -22.30
CA PRO B 141 11.88 0.40 -22.46
C PRO B 141 11.00 1.61 -22.70
N LYS B 142 11.53 2.79 -22.32
CA LYS B 142 10.77 4.02 -22.51
C LYS B 142 10.39 4.21 -23.97
N GLU B 143 11.30 3.89 -24.89
CA GLU B 143 11.01 4.05 -26.32
C GLU B 143 9.82 3.19 -26.73
N THR B 144 9.78 1.94 -26.27
CA THR B 144 8.61 1.09 -26.51
C THR B 144 7.36 1.73 -25.92
N GLN B 145 7.49 2.32 -24.73
CA GLN B 145 6.38 3.06 -24.14
C GLN B 145 5.91 4.17 -25.07
N ILE B 146 6.85 4.82 -25.76
CA ILE B 146 6.51 5.97 -26.60
C ILE B 146 5.77 5.51 -27.85
N GLU B 147 6.36 4.57 -28.60
CA GLU B 147 5.76 4.18 -29.88
C GLU B 147 4.35 3.63 -29.68
N ARG B 148 4.16 2.77 -28.67
CA ARG B 148 2.84 2.21 -28.43
C ARG B 148 1.83 3.30 -28.08
N THR B 149 2.28 4.36 -27.42
CA THR B 149 1.38 5.47 -27.12
C THR B 149 0.97 6.23 -28.37
N ILE B 150 1.84 6.26 -29.39
CA ILE B 150 1.54 7.00 -30.61
C ILE B 150 0.52 6.25 -31.46
N ARG B 151 0.56 4.92 -31.47
CA ARG B 151 -0.37 4.17 -32.29
C ARG B 151 -1.69 3.90 -31.56
N ARG B 152 -1.63 3.45 -30.31
CA ARG B 152 -2.83 3.16 -29.54
C ARG B 152 -3.78 4.35 -29.54
N ASP B 153 -3.36 5.45 -28.92
CA ASP B 153 -4.22 6.61 -28.77
C ASP B 153 -4.15 7.58 -29.94
N GLY B 154 -3.26 7.36 -30.90
CA GLY B 154 -3.13 8.26 -32.02
C GLY B 154 -2.65 9.65 -31.64
N VAL B 155 -1.88 9.76 -30.56
CA VAL B 155 -1.35 11.04 -30.10
C VAL B 155 0.01 11.26 -30.76
N SER B 156 0.46 12.51 -30.71
CA SER B 156 1.77 12.85 -31.26
C SER B 156 2.89 12.36 -30.36
N ARG B 157 4.09 12.24 -30.93
CA ARG B 157 5.25 11.88 -30.14
C ARG B 157 5.49 12.90 -29.03
N GLU B 158 5.38 14.18 -29.36
CA GLU B 158 5.63 15.24 -28.37
C GLU B 158 4.71 15.08 -27.16
N HIS B 159 3.40 14.91 -27.40
CA HIS B 159 2.47 14.73 -26.29
C HIS B 159 2.79 13.48 -25.49
N ALA B 160 3.25 12.42 -26.18
CA ALA B 160 3.54 11.17 -25.48
C ALA B 160 4.62 11.36 -24.43
N GLU B 161 5.68 12.10 -24.77
CA GLU B 161 6.74 12.35 -23.78
C GLU B 161 6.19 13.07 -22.57
N HIS B 162 5.34 14.09 -22.77
CA HIS B 162 4.79 14.83 -21.65
C HIS B 162 3.86 13.96 -20.82
N ILE B 163 3.13 13.05 -21.45
CA ILE B 163 2.28 12.13 -20.70
C ILE B 163 3.14 11.22 -19.83
N LEU B 164 4.29 10.79 -20.35
CA LEU B 164 5.22 10.00 -19.54
C LEU B 164 5.82 10.83 -18.42
N ALA B 165 5.98 12.14 -18.64
CA ALA B 165 6.60 12.98 -17.60
C ALA B 165 5.75 13.04 -16.34
N ALA B 166 4.43 12.86 -16.47
CA ALA B 166 3.54 12.90 -15.32
C ALA B 166 3.58 11.63 -14.48
N GLN B 167 4.42 10.66 -14.85
CA GLN B 167 4.46 9.37 -14.19
C GLN B 167 5.87 9.09 -13.66
N ALA B 168 5.95 8.09 -12.78
CA ALA B 168 7.24 7.62 -12.31
C ALA B 168 8.08 7.13 -13.49
N THR B 169 9.39 7.30 -13.38
CA THR B 169 10.26 6.77 -14.42
C THR B 169 10.34 5.25 -14.30
N ARG B 170 10.93 4.64 -15.32
CA ARG B 170 11.18 3.20 -15.30
C ARG B 170 11.93 2.79 -14.04
N GLU B 171 12.98 3.54 -13.69
CA GLU B 171 13.81 3.15 -12.56
C GLU B 171 13.04 3.20 -11.25
N GLN B 172 12.16 4.20 -11.08
CA GLN B 172 11.40 4.32 -9.85
C GLN B 172 10.45 3.14 -9.67
N ARG B 173 9.78 2.73 -10.75
CA ARG B 173 8.91 1.56 -10.66
C ARG B 173 9.71 0.30 -10.35
N LEU B 174 10.87 0.14 -11.02
CA LEU B 174 11.68 -1.05 -10.81
C LEU B 174 12.24 -1.09 -9.39
N ALA B 175 12.58 0.06 -8.82
CA ALA B 175 13.12 0.07 -7.46
C ALA B 175 12.10 -0.44 -6.44
N ALA B 176 10.81 -0.26 -6.72
CA ALA B 176 9.76 -0.71 -5.82
C ALA B 176 9.28 -2.12 -6.14
N ALA B 177 9.85 -2.78 -7.14
CA ALA B 177 9.35 -4.06 -7.59
C ALA B 177 9.93 -5.22 -6.78
N ASP B 178 9.08 -6.21 -6.49
CA ASP B 178 9.54 -7.49 -5.98
C ASP B 178 9.78 -8.48 -7.10
N ASP B 179 8.89 -8.47 -8.09
CA ASP B 179 9.05 -9.25 -9.32
C ASP B 179 8.91 -8.32 -10.51
N VAL B 180 9.65 -8.62 -11.57
CA VAL B 180 9.62 -7.84 -12.80
C VAL B 180 9.32 -8.79 -13.96
N ILE B 181 8.54 -8.32 -14.93
CA ILE B 181 8.21 -9.09 -16.12
C ILE B 181 8.39 -8.17 -17.32
N GLU B 182 9.29 -8.54 -18.23
CA GLU B 182 9.55 -7.77 -19.44
C GLU B 182 8.54 -8.22 -20.50
N ASN B 183 7.58 -7.34 -20.82
CA ASN B 183 6.56 -7.64 -21.82
C ASN B 183 7.13 -7.33 -23.21
N MET B 184 8.15 -8.11 -23.58
CA MET B 184 8.81 -7.98 -24.88
C MET B 184 9.10 -9.38 -25.40
N GLY B 185 9.31 -9.47 -26.71
CA GLY B 185 9.61 -10.75 -27.32
C GLY B 185 8.37 -11.57 -27.61
N SER B 186 8.53 -12.89 -27.56
CA SER B 186 7.43 -13.80 -27.86
C SER B 186 6.34 -13.68 -26.80
N ALA B 187 5.09 -13.79 -27.24
CA ALA B 187 3.98 -13.80 -26.30
C ALA B 187 3.98 -15.08 -25.46
N ASP B 188 4.34 -16.21 -26.08
CA ASP B 188 4.42 -17.46 -25.34
C ASP B 188 5.41 -17.36 -24.18
N ALA B 189 6.57 -16.76 -24.43
CA ALA B 189 7.57 -16.60 -23.37
C ALA B 189 7.00 -15.76 -22.22
N VAL B 190 6.31 -14.66 -22.55
CA VAL B 190 5.73 -13.82 -21.50
C VAL B 190 4.68 -14.62 -20.72
N ALA B 191 3.79 -15.30 -21.43
CA ALA B 191 2.78 -16.12 -20.76
C ALA B 191 3.42 -17.19 -19.90
N SER B 192 4.50 -17.81 -20.38
CA SER B 192 5.21 -18.79 -19.57
C SER B 192 5.77 -18.15 -18.31
N HIS B 193 6.33 -16.96 -18.42
CA HIS B 193 6.80 -16.24 -17.24
C HIS B 193 5.65 -16.02 -16.25
N VAL B 194 4.47 -15.70 -16.76
CA VAL B 194 3.33 -15.45 -15.88
C VAL B 194 2.98 -16.70 -15.09
N ALA B 195 2.93 -17.85 -15.76
CA ALA B 195 2.60 -19.09 -15.06
C ALA B 195 3.66 -19.42 -14.00
N ARG B 196 4.91 -19.05 -14.23
CA ARG B 196 5.95 -19.29 -13.24
C ARG B 196 5.74 -18.42 -12.01
N LEU B 197 5.51 -17.12 -12.22
CA LEU B 197 5.18 -16.24 -11.10
C LEU B 197 3.89 -16.71 -10.41
N HIS B 198 2.92 -17.15 -11.20
CA HIS B 198 1.69 -17.71 -10.64
C HIS B 198 2.02 -18.81 -9.62
N ASP B 199 2.85 -19.77 -10.02
CA ASP B 199 3.24 -20.82 -9.10
C ASP B 199 3.95 -20.25 -7.88
N LYS B 200 4.77 -19.21 -8.07
CA LYS B 200 5.46 -18.59 -6.95
C LYS B 200 4.44 -17.95 -6.00
N TYR B 201 3.49 -17.21 -6.55
CA TYR B 201 2.49 -16.54 -5.72
C TYR B 201 1.61 -17.55 -4.98
N LEU B 202 1.31 -18.69 -5.62
CA LEU B 202 0.58 -19.74 -4.93
C LEU B 202 1.32 -20.18 -3.67
N MET B 203 2.64 -20.38 -3.78
CA MET B 203 3.42 -20.87 -2.64
C MET B 203 3.57 -19.78 -1.58
N LEU B 204 3.70 -18.51 -2.00
CA LEU B 204 3.82 -17.43 -1.02
C LEU B 204 2.51 -17.26 -0.24
N ALA B 205 1.37 -17.41 -0.91
CA ALA B 205 0.10 -17.37 -0.20
C ALA B 205 0.02 -18.48 0.84
N SER B 206 0.45 -19.70 0.48
CA SER B 206 0.49 -20.79 1.45
C SER B 206 1.44 -20.45 2.60
N GLN B 207 2.63 -19.95 2.27
CA GLN B 207 3.60 -19.58 3.30
C GLN B 207 3.03 -18.49 4.22
N ALA B 208 2.30 -17.54 3.65
CA ALA B 208 1.75 -16.45 4.45
C ALA B 208 0.59 -16.92 5.32
N ALA B 209 -0.18 -17.91 4.84
CA ALA B 209 -1.33 -18.40 5.59
C ALA B 209 -0.93 -19.14 6.86
N SER B 210 0.35 -19.39 7.08
CA SER B 210 0.81 -20.09 8.27
C SER B 210 1.40 -19.12 9.28
#